data_4Y99
#
_entry.id   4Y99
#
_cell.length_a   66.062
_cell.length_b   80.368
_cell.length_c   93.712
_cell.angle_alpha   90.000
_cell.angle_beta   90.000
_cell.angle_gamma   90.000
#
_symmetry.space_group_name_H-M   'P 21 21 21'
#
loop_
_entity.id
_entity.type
_entity.pdbx_description
1 polymer 'Troponin C, slow skeletal and cardiac muscles'
2 polymer 'Troponin T, cardiac muscle'
3 polymer 'Troponin I, cardiac muscle'
4 non-polymer 'CALCIUM ION'
5 non-polymer 'DIMETHYL SULFOXIDE'
6 water water
#
loop_
_entity_poly.entity_id
_entity_poly.type
_entity_poly.pdbx_seq_one_letter_code
_entity_poly.pdbx_strand_id
1 'polypeptide(L)'
;MDDIYKAAVEQLTEEQKNEFKAAFDIFVLGAEDGSISTKELGKVMRMLGQNPTPEELQEMIDEVDEDGSGTVDFDEFLVM
MVRSMKDDSKGKSEEELSDLFRMFDKNADGYIDLEELKIMLQATGETITEDDIEELMKDGDKNNDGRIDYDEFLEFMKGV
E
;
A
2 'polypeptide(L)'
;HFGGYIQKQAQTERKSGKRQTEREKKKKILAERRKVLAIDHLNEDQLREKAKELWQTIYNLEAEKFDLQEKFKQQKYEIN
VLRNRINDNQKVSKTRGKAKVTGRWK
;
B
3 'polypeptide(L)'
;MADGSSDAAREPRPAPAPIRRRSSNYRAYATEPHAKKKSKISASRKLQLKTLLLQIAKQELEREAEERRGEKGRALSTRA
QPLELAGLGFAELQDLARQLHARVDKVDEERYDIEAKVTKNITEIADLTQKIFDLRGKFKRPTLRRVRISADAMMQALLG
ARAKESLDLRAHLKQVKKEDTEKENREVGDWRKNIDALSGMEGRKKKFES
;
C
#
loop_
_chem_comp.id
_chem_comp.type
_chem_comp.name
_chem_comp.formula
CA non-polymer 'CALCIUM ION' 'Ca 2'
DMS non-polymer 'DIMETHYL SULFOXIDE' 'C2 H6 O S'
#
# COMPACT_ATOMS: atom_id res chain seq x y z
N ASP A 2 5.27 -16.25 -3.69
CA ASP A 2 5.78 -17.57 -3.24
C ASP A 2 4.96 -18.12 -2.07
N ASP A 3 4.94 -17.36 -0.97
CA ASP A 3 4.34 -17.80 0.29
C ASP A 3 2.94 -18.41 0.18
N ILE A 4 2.06 -17.74 -0.55
CA ILE A 4 0.68 -18.23 -0.74
C ILE A 4 0.63 -19.55 -1.55
N TYR A 5 1.59 -19.72 -2.45
CA TYR A 5 1.67 -20.96 -3.24
C TYR A 5 2.24 -22.11 -2.41
N LYS A 6 3.25 -21.81 -1.61
CA LYS A 6 3.85 -22.78 -0.71
C LYS A 6 2.82 -23.32 0.27
N ALA A 7 1.96 -22.43 0.78
CA ALA A 7 0.91 -22.81 1.73
C ALA A 7 -0.10 -23.73 1.08
N ALA A 8 -0.50 -23.44 -0.17
CA ALA A 8 -1.37 -24.32 -0.94
C ALA A 8 -0.75 -25.72 -1.10
N VAL A 9 0.56 -25.77 -1.37
CA VAL A 9 1.28 -27.05 -1.49
C VAL A 9 1.24 -27.86 -0.19
N GLU A 10 1.46 -27.19 0.94
CA GLU A 10 1.39 -27.83 2.27
C GLU A 10 0.05 -28.49 2.53
N GLN A 11 -1.00 -27.95 1.92
CA GLN A 11 -2.36 -28.42 2.18
C GLN A 11 -2.86 -29.44 1.15
N LEU A 12 -2.02 -29.74 0.15
CA LEU A 12 -2.34 -30.82 -0.79
C LEU A 12 -2.45 -32.14 -0.03
N THR A 13 -3.44 -32.96 -0.39
CA THR A 13 -3.53 -34.31 0.17
C THR A 13 -2.46 -35.22 -0.42
N GLU A 14 -2.23 -36.33 0.26
CA GLU A 14 -1.28 -37.32 -0.20
C GLU A 14 -1.65 -37.88 -1.57
N GLU A 15 -2.93 -38.17 -1.79
CA GLU A 15 -3.36 -38.72 -3.08
C GLU A 15 -3.17 -37.69 -4.21
N GLN A 16 -3.41 -36.42 -3.91
CA GLN A 16 -3.14 -35.31 -4.85
C GLN A 16 -1.66 -35.25 -5.23
N LYS A 17 -0.80 -35.35 -4.22
CA LYS A 17 0.64 -35.36 -4.42
C LYS A 17 1.10 -36.59 -5.19
N ASN A 18 0.50 -37.74 -4.88
CA ASN A 18 0.75 -38.96 -5.65
C ASN A 18 0.41 -38.84 -7.13
N GLU A 19 -0.71 -38.17 -7.45
CA GLU A 19 -1.08 -37.96 -8.85
C GLU A 19 -0.08 -37.01 -9.53
N PHE A 20 0.30 -35.93 -8.82
CA PHE A 20 1.32 -35.02 -9.34
C PHE A 20 2.65 -35.71 -9.56
N LYS A 21 3.02 -36.63 -8.68
CA LYS A 21 4.25 -37.43 -8.88
C LYS A 21 4.18 -38.25 -10.17
N ALA A 22 3.05 -38.88 -10.43
CA ALA A 22 2.87 -39.63 -11.67
C ALA A 22 3.05 -38.71 -12.88
N ALA A 23 2.53 -37.49 -12.83
CA ALA A 23 2.74 -36.50 -13.92
C ALA A 23 4.21 -36.11 -14.04
N PHE A 24 4.83 -35.84 -12.90
CA PHE A 24 6.25 -35.49 -12.85
C PHE A 24 7.13 -36.56 -13.50
N ASP A 25 6.82 -37.82 -13.24
CA ASP A 25 7.52 -38.94 -13.86
C ASP A 25 7.49 -38.94 -15.39
N ILE A 26 6.36 -38.52 -15.97
CA ILE A 26 6.24 -38.33 -17.42
C ILE A 26 7.19 -37.24 -17.92
N PHE A 27 7.20 -36.11 -17.23
CA PHE A 27 8.12 -35.03 -17.57
C PHE A 27 9.57 -35.46 -17.57
N VAL A 28 9.99 -36.15 -16.52
CA VAL A 28 11.42 -36.42 -16.33
C VAL A 28 11.91 -37.68 -16.98
N LEU A 29 11.03 -38.42 -17.63
CA LEU A 29 11.41 -39.68 -18.24
C LEU A 29 12.66 -39.46 -19.09
N GLY A 30 13.71 -40.22 -18.82
CA GLY A 30 14.94 -40.14 -19.61
C GLY A 30 15.87 -38.99 -19.29
N ALA A 31 15.56 -38.19 -18.27
CA ALA A 31 16.45 -37.09 -17.90
C ALA A 31 17.64 -37.59 -17.07
N GLU A 32 18.82 -37.11 -17.43
CA GLU A 32 20.08 -37.46 -16.75
C GLU A 32 19.97 -37.42 -15.22
N ASP A 33 19.53 -36.27 -14.69
CA ASP A 33 19.55 -35.97 -13.25
C ASP A 33 18.19 -36.09 -12.54
N GLY A 34 17.20 -36.70 -13.20
CA GLY A 34 15.87 -36.91 -12.60
C GLY A 34 15.10 -35.62 -12.36
N SER A 35 15.42 -34.60 -13.13
CA SER A 35 14.90 -33.26 -12.96
C SER A 35 14.40 -32.71 -14.29
N ILE A 36 13.50 -31.74 -14.27
CA ILE A 36 12.94 -31.16 -15.49
C ILE A 36 13.77 -29.99 -15.98
N SER A 37 14.46 -30.15 -17.12
CA SER A 37 15.15 -29.03 -17.79
C SER A 37 14.25 -28.46 -18.90
N THR A 38 14.70 -27.42 -19.61
CA THR A 38 13.93 -26.81 -20.69
C THR A 38 13.66 -27.81 -21.81
N LYS A 39 14.54 -28.79 -21.94
CA LYS A 39 14.40 -29.89 -22.90
C LYS A 39 13.14 -30.74 -22.61
N GLU A 40 12.99 -31.16 -21.36
CA GLU A 40 11.86 -32.02 -20.97
C GLU A 40 10.58 -31.19 -20.92
N LEU A 41 10.70 -29.97 -20.41
CA LEU A 41 9.56 -29.07 -20.29
C LEU A 41 9.00 -28.74 -21.66
N GLY A 42 9.89 -28.40 -22.61
CA GLY A 42 9.48 -28.13 -24.00
C GLY A 42 8.81 -29.31 -24.67
N LYS A 43 9.41 -30.50 -24.52
CA LYS A 43 8.86 -31.73 -25.07
C LYS A 43 7.42 -31.94 -24.61
N VAL A 44 7.20 -31.81 -23.30
CA VAL A 44 5.85 -32.02 -22.76
C VAL A 44 4.86 -30.91 -23.16
N MET A 45 5.31 -29.65 -23.13
CA MET A 45 4.44 -28.56 -23.55
C MET A 45 3.98 -28.75 -24.99
N ARG A 46 4.88 -29.18 -25.87
CA ARG A 46 4.54 -29.40 -27.27
C ARG A 46 3.63 -30.62 -27.43
N MET A 47 3.87 -31.66 -26.63
CA MET A 47 2.99 -32.82 -26.60
C MET A 47 1.57 -32.38 -26.24
N LEU A 48 1.49 -31.38 -25.35
CA LEU A 48 0.23 -30.84 -24.88
C LEU A 48 -0.41 -29.84 -25.84
N GLY A 49 0.26 -29.55 -26.96
CA GLY A 49 -0.30 -28.64 -27.95
C GLY A 49 0.13 -27.19 -27.84
N GLN A 50 1.05 -26.90 -26.92
CA GLN A 50 1.57 -25.54 -26.77
C GLN A 50 2.85 -25.37 -27.57
N ASN A 51 3.20 -24.12 -27.88
CA ASN A 51 4.43 -23.82 -28.57
C ASN A 51 5.25 -22.70 -27.90
N PRO A 52 5.73 -22.93 -26.66
CA PRO A 52 6.53 -21.90 -25.99
C PRO A 52 7.89 -21.66 -26.65
N THR A 53 8.38 -20.45 -26.57
CA THR A 53 9.73 -20.14 -27.03
C THR A 53 10.72 -20.63 -25.98
N PRO A 54 12.02 -20.74 -26.35
CA PRO A 54 13.01 -21.15 -25.34
C PRO A 54 13.08 -20.18 -24.16
N GLU A 55 12.76 -18.90 -24.41
CA GLU A 55 12.77 -17.87 -23.38
C GLU A 55 11.60 -18.05 -22.42
N GLU A 56 10.42 -18.34 -22.96
CA GLU A 56 9.26 -18.64 -22.12
C GLU A 56 9.48 -19.88 -21.24
N LEU A 57 10.12 -20.90 -21.84
CA LEU A 57 10.48 -22.13 -21.14
C LEU A 57 11.43 -21.86 -19.98
N GLN A 58 12.49 -21.09 -20.26
CA GLN A 58 13.45 -20.72 -19.22
C GLN A 58 12.77 -19.95 -18.09
N GLU A 59 11.90 -19.01 -18.45
CA GLU A 59 11.14 -18.22 -17.48
C GLU A 59 10.20 -19.07 -16.61
N MET A 60 9.55 -20.07 -17.21
CA MET A 60 8.69 -21.00 -16.46
C MET A 60 9.51 -21.72 -15.38
N ILE A 61 10.73 -22.13 -15.73
CA ILE A 61 11.61 -22.82 -14.78
C ILE A 61 12.10 -21.86 -13.68
N ASP A 62 12.56 -20.69 -14.08
CA ASP A 62 13.11 -19.69 -13.15
C ASP A 62 12.12 -19.26 -12.09
N GLU A 63 10.83 -19.22 -12.44
CA GLU A 63 9.76 -18.83 -11.53
C GLU A 63 9.67 -19.69 -10.27
N VAL A 64 10.08 -20.94 -10.36
CA VAL A 64 9.93 -21.89 -9.26
C VAL A 64 11.25 -22.52 -8.82
N ASP A 65 12.33 -22.17 -9.50
CA ASP A 65 13.64 -22.78 -9.20
C ASP A 65 14.18 -22.18 -7.90
N GLU A 66 14.31 -22.99 -6.87
CA GLU A 66 14.67 -22.48 -5.54
C GLU A 66 16.13 -22.70 -5.17
N ASP A 67 16.81 -23.58 -5.89
CA ASP A 67 18.21 -23.88 -5.61
C ASP A 67 19.13 -23.44 -6.75
N GLY A 68 18.62 -22.62 -7.67
CA GLY A 68 19.37 -22.18 -8.85
C GLY A 68 19.97 -23.31 -9.68
N SER A 69 19.26 -24.43 -9.78
CA SER A 69 19.78 -25.58 -10.52
C SER A 69 19.50 -25.44 -12.02
N GLY A 70 18.63 -24.50 -12.37
CA GLY A 70 18.19 -24.34 -13.75
C GLY A 70 17.21 -25.43 -14.13
N THR A 71 16.80 -26.23 -13.15
CA THR A 71 15.92 -27.37 -13.39
C THR A 71 14.84 -27.45 -12.32
N VAL A 72 13.76 -28.20 -12.59
CA VAL A 72 12.65 -28.33 -11.67
C VAL A 72 12.62 -29.73 -11.04
N ASP A 73 12.79 -29.78 -9.71
CA ASP A 73 12.64 -31.05 -8.98
C ASP A 73 11.17 -31.18 -8.54
N PHE A 74 10.80 -32.30 -7.93
CA PHE A 74 9.40 -32.55 -7.60
C PHE A 74 8.79 -31.50 -6.68
N ASP A 75 9.55 -31.05 -5.69
CA ASP A 75 9.05 -30.02 -4.78
C ASP A 75 8.77 -28.73 -5.54
N GLU A 76 9.67 -28.37 -6.45
CA GLU A 76 9.46 -27.15 -7.25
C GLU A 76 8.31 -27.36 -8.25
N PHE A 77 8.14 -28.61 -8.69
CA PHE A 77 7.02 -28.98 -9.58
C PHE A 77 5.66 -28.75 -8.91
N LEU A 78 5.53 -29.14 -7.65
CA LEU A 78 4.28 -28.89 -6.91
C LEU A 78 3.91 -27.41 -6.87
N VAL A 79 4.91 -26.55 -6.66
CA VAL A 79 4.70 -25.11 -6.68
C VAL A 79 4.28 -24.68 -8.07
N MET A 80 4.98 -25.16 -9.10
CA MET A 80 4.57 -24.87 -10.49
C MET A 80 3.09 -25.22 -10.76
N MET A 81 2.66 -26.39 -10.30
CA MET A 81 1.27 -26.84 -10.45
C MET A 81 0.24 -25.92 -9.76
N VAL A 82 0.47 -25.60 -8.49
CA VAL A 82 -0.46 -24.71 -7.77
C VAL A 82 -0.47 -23.29 -8.35
N ARG A 83 0.69 -22.80 -8.79
CA ARG A 83 0.78 -21.50 -9.46
C ARG A 83 -0.07 -21.46 -10.73
N SER A 84 -0.20 -22.61 -11.39
CA SER A 84 -0.92 -22.66 -12.66
C SER A 84 -2.43 -22.63 -12.45
N MET A 85 -2.88 -22.62 -11.20
CA MET A 85 -4.31 -22.53 -10.89
C MET A 85 -4.67 -21.48 -9.87
N GLY A 91 -5.60 -10.46 -3.42
CA GLY A 91 -4.91 -9.64 -2.41
C GLY A 91 -5.36 -8.19 -2.43
N LYS A 92 -4.72 -7.35 -1.61
CA LYS A 92 -5.02 -5.92 -1.57
C LYS A 92 -4.33 -5.13 -2.69
N SER A 93 -4.88 -3.96 -3.02
CA SER A 93 -4.27 -3.07 -4.01
C SER A 93 -3.00 -2.43 -3.44
N GLU A 94 -2.13 -1.95 -4.33
CA GLU A 94 -0.91 -1.26 -3.91
C GLU A 94 -1.23 -0.03 -3.04
N GLU A 95 -2.25 0.75 -3.42
CA GLU A 95 -2.61 1.93 -2.64
C GLU A 95 -3.04 1.54 -1.21
N GLU A 96 -3.84 0.48 -1.10
CA GLU A 96 -4.25 -0.03 0.20
C GLU A 96 -3.03 -0.50 1.02
N LEU A 97 -2.09 -1.21 0.38
CA LEU A 97 -0.92 -1.71 1.09
C LEU A 97 0.01 -0.58 1.52
N SER A 98 0.03 0.49 0.72
CA SER A 98 0.83 1.67 1.03
C SER A 98 0.38 2.34 2.35
N ASP A 99 -0.93 2.45 2.55
CA ASP A 99 -1.48 2.99 3.81
C ASP A 99 -1.17 2.08 5.00
N LEU A 100 -1.30 0.78 4.80
CA LEU A 100 -0.98 -0.20 5.84
C LEU A 100 0.51 -0.22 6.20
N PHE A 101 1.38 -0.07 5.20
CA PHE A 101 2.83 0.02 5.40
C PHE A 101 3.18 1.11 6.41
N ARG A 102 2.61 2.31 6.20
CA ARG A 102 2.79 3.45 7.08
C ARG A 102 2.48 3.11 8.54
N MET A 103 1.47 2.26 8.76
CA MET A 103 1.10 1.83 10.12
C MET A 103 2.15 0.94 10.81
N PHE A 104 2.86 0.14 10.01
CA PHE A 104 3.99 -0.63 10.55
C PHE A 104 5.17 0.27 10.90
N ASP A 105 5.38 1.30 10.06
CA ASP A 105 6.58 2.12 10.09
C ASP A 105 6.49 3.20 11.18
N LYS A 106 6.62 2.76 12.44
CA LYS A 106 6.33 3.64 13.58
C LYS A 106 7.27 4.85 13.75
N ASN A 107 8.54 4.71 13.38
CA ASN A 107 9.43 5.87 13.41
C ASN A 107 9.44 6.67 12.09
N ALA A 108 8.56 6.30 11.16
CA ALA A 108 8.40 7.02 9.87
C ALA A 108 9.67 7.13 9.00
N ASP A 109 10.56 6.14 9.06
CA ASP A 109 11.81 6.19 8.29
C ASP A 109 11.72 5.55 6.90
N GLY A 110 10.57 4.99 6.55
CA GLY A 110 10.39 4.35 5.25
C GLY A 110 10.79 2.88 5.22
N TYR A 111 11.09 2.30 6.39
CA TYR A 111 11.43 0.86 6.49
C TYR A 111 10.74 0.23 7.68
N ILE A 112 10.41 -1.05 7.57
CA ILE A 112 9.92 -1.78 8.73
C ILE A 112 11.08 -2.57 9.32
N ASP A 113 11.51 -2.21 10.54
CA ASP A 113 12.59 -2.94 11.20
C ASP A 113 12.07 -4.05 12.12
N LEU A 114 12.99 -4.78 12.76
CA LEU A 114 12.61 -5.92 13.57
C LEU A 114 11.73 -5.53 14.76
N GLU A 115 12.09 -4.43 15.43
CA GLU A 115 11.30 -3.94 16.56
C GLU A 115 9.87 -3.61 16.17
N GLU A 116 9.71 -2.94 15.02
CA GLU A 116 8.39 -2.56 14.52
C GLU A 116 7.58 -3.78 14.14
N LEU A 117 8.25 -4.79 13.56
CA LEU A 117 7.59 -6.04 13.20
C LEU A 117 7.13 -6.77 14.47
N LYS A 118 8.02 -6.83 15.47
CA LYS A 118 7.70 -7.44 16.76
C LYS A 118 6.46 -6.80 17.42
N ILE A 119 6.47 -5.48 17.51
CA ILE A 119 5.35 -4.73 18.08
C ILE A 119 4.03 -5.09 17.38
N MET A 120 4.04 -5.08 16.05
CA MET A 120 2.86 -5.44 15.27
C MET A 120 2.42 -6.87 15.52
N LEU A 121 3.37 -7.81 15.53
CA LEU A 121 3.05 -9.22 15.76
C LEU A 121 2.42 -9.49 17.14
N GLN A 122 2.95 -8.84 18.18
CA GLN A 122 2.40 -8.99 19.53
C GLN A 122 0.98 -8.44 19.62
N ALA A 123 0.72 -7.34 18.91
CA ALA A 123 -0.59 -6.71 18.87
C ALA A 123 -1.68 -7.59 18.25
N THR A 124 -1.28 -8.64 17.54
CA THR A 124 -2.23 -9.56 16.92
C THR A 124 -2.97 -10.43 17.96
N GLY A 125 -2.34 -10.66 19.10
CA GLY A 125 -2.93 -11.49 20.16
C GLY A 125 -2.60 -12.97 20.08
N GLU A 126 -1.97 -13.38 18.98
CA GLU A 126 -1.50 -14.75 18.82
C GLU A 126 -0.21 -14.92 19.65
N THR A 127 0.09 -16.16 20.05
CA THR A 127 1.33 -16.42 20.78
C THR A 127 2.50 -16.32 19.81
N ILE A 128 3.38 -15.36 20.04
CA ILE A 128 4.47 -15.06 19.10
C ILE A 128 5.80 -15.59 19.62
N THR A 129 6.31 -16.64 18.98
CA THR A 129 7.62 -17.19 19.31
C THR A 129 8.71 -16.37 18.63
N GLU A 130 9.95 -16.49 19.12
CA GLU A 130 11.10 -15.85 18.48
C GLU A 130 11.25 -16.32 17.03
N ASP A 131 10.95 -17.59 16.77
CA ASP A 131 10.97 -18.16 15.43
C ASP A 131 9.96 -17.51 14.48
N ASP A 132 8.79 -17.14 15.00
CA ASP A 132 7.77 -16.42 14.23
C ASP A 132 8.34 -15.13 13.69
N ILE A 133 9.09 -14.44 14.54
CA ILE A 133 9.58 -13.10 14.23
C ILE A 133 10.75 -13.16 13.25
N GLU A 134 11.72 -14.03 13.54
CA GLU A 134 12.91 -14.19 12.69
C GLU A 134 12.57 -14.67 11.28
N GLU A 135 11.64 -15.60 11.16
CA GLU A 135 11.31 -16.20 9.87
C GLU A 135 10.50 -15.25 8.99
N LEU A 136 9.58 -14.51 9.60
CA LEU A 136 8.81 -13.51 8.87
C LEU A 136 9.71 -12.42 8.31
N MET A 137 10.66 -11.95 9.12
CA MET A 137 11.64 -10.95 8.68
C MET A 137 12.53 -11.46 7.55
N LYS A 138 13.02 -12.70 7.69
CA LYS A 138 13.80 -13.33 6.63
C LYS A 138 12.98 -13.52 5.37
N ASP A 139 11.70 -13.87 5.53
CA ASP A 139 10.77 -14.01 4.40
C ASP A 139 10.59 -12.66 3.69
N GLY A 140 10.47 -11.59 4.46
CA GLY A 140 10.21 -10.26 3.88
C GLY A 140 11.44 -9.54 3.35
N ASP A 141 12.57 -9.71 4.03
CA ASP A 141 13.80 -8.98 3.72
C ASP A 141 14.62 -9.67 2.62
N LYS A 142 14.35 -9.30 1.37
CA LYS A 142 15.01 -9.91 0.20
C LYS A 142 16.46 -9.52 0.01
N ASN A 143 16.85 -8.32 0.42
CA ASN A 143 18.21 -7.88 0.16
C ASN A 143 19.12 -7.90 1.40
N ASN A 144 18.71 -8.68 2.41
CA ASN A 144 19.53 -8.95 3.60
C ASN A 144 20.05 -7.75 4.38
N ASP A 145 19.28 -6.65 4.43
CA ASP A 145 19.68 -5.54 5.27
C ASP A 145 18.95 -5.56 6.62
N GLY A 146 18.15 -6.62 6.85
CA GLY A 146 17.44 -6.83 8.12
C GLY A 146 16.18 -6.01 8.30
N ARG A 147 15.74 -5.35 7.23
CA ARG A 147 14.49 -4.59 7.26
C ARG A 147 13.70 -4.76 5.98
N ILE A 148 12.41 -4.44 6.07
CA ILE A 148 11.48 -4.58 4.97
C ILE A 148 11.13 -3.21 4.40
N ASP A 149 11.63 -2.96 3.19
CA ASP A 149 11.30 -1.71 2.51
C ASP A 149 9.93 -1.81 1.85
N TYR A 150 9.49 -0.71 1.24
CA TYR A 150 8.18 -0.66 0.63
C TYR A 150 7.98 -1.73 -0.45
N ASP A 151 8.92 -1.85 -1.38
CA ASP A 151 8.80 -2.86 -2.45
C ASP A 151 8.81 -4.29 -1.87
N GLU A 152 9.64 -4.53 -0.87
CA GLU A 152 9.65 -5.85 -0.20
C GLU A 152 8.34 -6.14 0.50
N PHE A 153 7.75 -5.10 1.11
CA PHE A 153 6.47 -5.24 1.79
C PHE A 153 5.36 -5.65 0.81
N LEU A 154 5.34 -5.04 -0.36
CA LEU A 154 4.35 -5.40 -1.39
C LEU A 154 4.45 -6.88 -1.79
N GLU A 155 5.66 -7.37 -2.03
CA GLU A 155 5.87 -8.80 -2.34
C GLU A 155 5.50 -9.70 -1.17
N PHE A 156 5.89 -9.26 0.04
CA PHE A 156 5.64 -9.93 1.32
C PHE A 156 4.14 -10.13 1.59
N MET A 157 3.32 -9.16 1.18
CA MET A 157 1.90 -9.22 1.41
C MET A 157 1.09 -9.65 0.17
N LYS A 158 1.78 -9.89 -0.94
CA LYS A 158 1.11 -10.29 -2.19
C LYS A 158 0.14 -11.43 -1.95
N GLY A 159 -1.12 -11.23 -2.33
CA GLY A 159 -2.16 -12.25 -2.18
C GLY A 159 -2.74 -12.41 -0.78
N VAL A 160 -2.26 -11.61 0.18
CA VAL A 160 -2.77 -11.70 1.55
C VAL A 160 -4.10 -10.94 1.67
N GLU A 161 -5.12 -11.64 2.18
CA GLU A 161 -6.49 -11.12 2.31
C GLU A 161 -6.59 -9.99 3.34
N GLY B 17 10.17 36.55 -12.58
CA GLY B 17 10.19 35.15 -13.09
C GLY B 17 8.96 34.38 -12.64
N LYS B 18 9.18 33.25 -11.98
CA LYS B 18 8.10 32.38 -11.50
C LYS B 18 7.31 32.97 -10.32
N ARG B 19 7.95 33.85 -9.56
CA ARG B 19 7.39 34.41 -8.32
C ARG B 19 6.23 35.39 -8.53
N GLN B 20 6.37 36.27 -9.52
CA GLN B 20 5.35 37.27 -9.81
C GLN B 20 4.13 36.67 -10.54
N THR B 21 4.31 35.51 -11.16
CA THR B 21 3.19 34.79 -11.75
C THR B 21 2.41 34.02 -10.68
N GLU B 22 3.12 33.44 -9.72
CA GLU B 22 2.51 32.76 -8.58
C GLU B 22 1.69 33.74 -7.73
N ARG B 23 2.24 34.95 -7.59
CA ARG B 23 1.61 36.01 -6.81
C ARG B 23 0.35 36.58 -7.46
N GLU B 24 0.41 36.84 -8.76
CA GLU B 24 -0.75 37.36 -9.50
C GLU B 24 -1.84 36.29 -9.63
N LYS B 25 -1.44 35.04 -9.78
CA LYS B 25 -2.38 33.91 -9.77
C LYS B 25 -3.12 33.80 -8.42
N LYS B 26 -2.37 33.92 -7.33
CA LYS B 26 -2.93 33.92 -5.99
C LYS B 26 -3.94 35.06 -5.83
N LYS B 27 -3.53 36.27 -6.18
CA LYS B 27 -4.44 37.42 -6.10
C LYS B 27 -5.72 37.18 -6.91
N LYS B 28 -5.56 36.63 -8.12
CA LYS B 28 -6.70 36.40 -9.03
C LYS B 28 -7.68 35.37 -8.47
N ILE B 29 -7.17 34.27 -7.94
CA ILE B 29 -8.02 33.19 -7.41
C ILE B 29 -8.78 33.66 -6.15
N LEU B 30 -8.09 34.36 -5.25
CA LEU B 30 -8.70 34.89 -4.04
C LEU B 30 -9.77 35.94 -4.35
N ALA B 31 -9.50 36.80 -5.33
CA ALA B 31 -10.48 37.79 -5.84
C ALA B 31 -11.77 37.13 -6.34
N GLU B 32 -11.61 36.03 -7.09
CA GLU B 32 -12.76 35.31 -7.66
C GLU B 32 -13.62 34.62 -6.59
N ARG B 33 -12.98 34.23 -5.48
CA ARG B 33 -13.65 33.54 -4.39
C ARG B 33 -14.33 34.48 -3.39
N ARG B 34 -13.95 35.76 -3.41
CA ARG B 34 -14.46 36.76 -2.47
C ARG B 34 -15.94 37.09 -2.73
N LYS B 35 -16.75 37.12 -1.67
CA LYS B 35 -18.15 37.53 -1.75
C LYS B 35 -18.33 38.99 -1.34
N VAL B 36 -19.35 39.64 -1.92
CA VAL B 36 -19.71 41.02 -1.59
C VAL B 36 -20.47 41.01 -0.26
N LEU B 37 -20.02 41.83 0.69
CA LEU B 37 -20.78 42.02 1.92
C LEU B 37 -21.74 43.20 1.76
N ALA B 38 -23.04 42.91 1.74
CA ALA B 38 -24.07 43.96 1.66
C ALA B 38 -25.00 43.83 2.87
N ILE B 39 -24.80 44.70 3.85
CA ILE B 39 -25.51 44.59 5.13
C ILE B 39 -26.37 45.81 5.43
N ASP B 40 -26.33 46.82 4.56
CA ASP B 40 -26.88 48.13 4.87
C ASP B 40 -28.40 48.21 5.07
N HIS B 41 -29.12 47.21 4.59
CA HIS B 41 -30.58 47.14 4.76
C HIS B 41 -31.03 46.25 5.92
N LEU B 42 -30.08 45.57 6.57
CA LEU B 42 -30.41 44.56 7.58
C LEU B 42 -30.69 45.17 8.94
N ASN B 43 -31.70 44.64 9.65
CA ASN B 43 -31.91 45.04 11.04
C ASN B 43 -31.00 44.27 11.99
N GLU B 44 -31.15 44.53 13.29
CA GLU B 44 -30.32 43.90 14.32
C GLU B 44 -30.37 42.38 14.27
N ASP B 45 -31.58 41.82 14.16
CA ASP B 45 -31.75 40.36 14.12
C ASP B 45 -31.09 39.73 12.90
N GLN B 46 -31.26 40.35 11.74
CA GLN B 46 -30.61 39.91 10.49
C GLN B 46 -29.07 40.00 10.58
N LEU B 47 -28.59 41.05 11.24
CA LEU B 47 -27.14 41.22 11.43
C LEU B 47 -26.56 40.11 12.29
N ARG B 48 -27.29 39.70 13.33
CA ARG B 48 -26.83 38.60 14.20
C ARG B 48 -26.73 37.33 13.40
N GLU B 49 -27.71 37.10 12.52
CA GLU B 49 -27.65 35.94 11.65
C GLU B 49 -26.53 36.07 10.62
N LYS B 50 -26.33 37.28 10.10
CA LYS B 50 -25.23 37.48 9.14
C LYS B 50 -23.86 37.18 9.79
N ALA B 51 -23.71 37.64 11.02
CA ALA B 51 -22.50 37.31 11.80
C ALA B 51 -22.30 35.80 11.95
N LYS B 52 -23.37 35.07 12.33
CA LYS B 52 -23.29 33.61 12.46
C LYS B 52 -22.89 32.94 11.15
N GLU B 53 -23.45 33.41 10.05
CA GLU B 53 -23.11 32.92 8.70
C GLU B 53 -21.61 33.11 8.38
N LEU B 54 -21.08 34.29 8.68
CA LEU B 54 -19.67 34.59 8.42
C LEU B 54 -18.78 33.74 9.32
N TRP B 55 -19.16 33.60 10.58
CA TRP B 55 -18.47 32.71 11.49
C TRP B 55 -18.40 31.27 10.95
N GLN B 56 -19.50 30.79 10.43
CA GLN B 56 -19.55 29.43 9.86
C GLN B 56 -18.62 29.32 8.65
N THR B 57 -18.58 30.35 7.82
CA THR B 57 -17.64 30.39 6.70
C THR B 57 -16.19 30.29 7.18
N ILE B 58 -15.83 31.07 8.21
CA ILE B 58 -14.49 31.02 8.79
C ILE B 58 -14.19 29.61 9.31
N TYR B 59 -15.14 29.05 10.07
CA TYR B 59 -15.06 27.68 10.57
C TYR B 59 -14.79 26.67 9.46
N ASN B 60 -15.59 26.70 8.39
CA ASN B 60 -15.40 25.79 7.25
C ASN B 60 -14.05 25.98 6.56
N LEU B 61 -13.59 27.23 6.46
CA LEU B 61 -12.27 27.49 5.86
C LEU B 61 -11.13 26.97 6.73
N GLU B 62 -11.26 27.16 8.05
CA GLU B 62 -10.30 26.61 9.02
C GLU B 62 -10.27 25.09 8.99
N ALA B 63 -11.44 24.46 8.86
CA ALA B 63 -11.57 23.01 8.75
C ALA B 63 -10.85 22.49 7.48
N GLU B 64 -11.06 23.17 6.35
CA GLU B 64 -10.36 22.84 5.10
C GLU B 64 -8.85 23.03 5.22
N LYS B 65 -8.44 24.14 5.85
CA LYS B 65 -7.01 24.36 6.14
C LYS B 65 -6.43 23.21 6.97
N PHE B 66 -7.17 22.74 7.96
CA PHE B 66 -6.69 21.65 8.81
C PHE B 66 -6.50 20.34 8.00
N ASP B 67 -7.47 20.04 7.15
CA ASP B 67 -7.37 18.87 6.27
C ASP B 67 -6.15 18.92 5.36
N LEU B 68 -5.88 20.10 4.77
CA LEU B 68 -4.71 20.31 3.94
C LEU B 68 -3.38 20.17 4.70
N GLN B 69 -3.35 20.64 5.96
CA GLN B 69 -2.15 20.50 6.77
C GLN B 69 -1.89 19.02 7.05
N GLU B 70 -2.96 18.26 7.33
CA GLU B 70 -2.81 16.82 7.56
C GLU B 70 -2.35 16.09 6.27
N LYS B 71 -2.90 16.49 5.12
CA LYS B 71 -2.49 15.95 3.82
C LYS B 71 -1.01 16.24 3.55
N PHE B 72 -0.60 17.50 3.77
CA PHE B 72 0.78 17.89 3.61
C PHE B 72 1.75 16.97 4.37
N LYS B 73 1.43 16.67 5.64
CA LYS B 73 2.28 15.77 6.44
C LYS B 73 2.36 14.35 5.86
N GLN B 74 1.23 13.79 5.45
CA GLN B 74 1.22 12.48 4.81
C GLN B 74 2.02 12.53 3.50
N GLN B 75 1.92 13.62 2.76
CA GLN B 75 2.67 13.79 1.52
C GLN B 75 4.20 13.80 1.74
N LYS B 76 4.66 14.49 2.79
CA LYS B 76 6.08 14.49 3.13
C LYS B 76 6.59 13.10 3.49
N TYR B 77 5.78 12.34 4.22
CA TYR B 77 6.09 10.95 4.45
C TYR B 77 6.21 10.17 3.14
N GLU B 78 5.20 10.31 2.26
CA GLU B 78 5.19 9.57 0.99
C GLU B 78 6.39 9.92 0.12
N ILE B 79 6.73 11.20 0.08
CA ILE B 79 7.86 11.68 -0.72
C ILE B 79 9.17 11.10 -0.19
N ASN B 80 9.31 11.05 1.14
CA ASN B 80 10.50 10.48 1.77
C ASN B 80 10.65 9.00 1.39
N VAL B 81 9.55 8.25 1.45
CA VAL B 81 9.58 6.83 1.05
C VAL B 81 9.98 6.67 -0.42
N LEU B 82 9.34 7.43 -1.31
CA LEU B 82 9.66 7.43 -2.73
C LEU B 82 11.15 7.72 -3.00
N ARG B 83 11.69 8.71 -2.31
CA ARG B 83 13.10 9.06 -2.44
C ARG B 83 14.01 7.92 -1.97
N ASN B 84 13.64 7.30 -0.85
CA ASN B 84 14.37 6.09 -0.42
C ASN B 84 14.31 4.95 -1.43
N ARG B 85 13.12 4.67 -1.96
CA ARG B 85 12.95 3.60 -2.97
C ARG B 85 13.81 3.84 -4.21
N ILE B 86 13.78 5.09 -4.69
CA ILE B 86 14.62 5.51 -5.82
C ILE B 86 16.12 5.32 -5.53
N ASN B 87 16.58 5.81 -4.38
CA ASN B 87 17.97 5.65 -3.98
C ASN B 87 18.38 4.17 -3.90
N ASP B 88 17.55 3.34 -3.26
CA ASP B 88 17.82 1.91 -3.12
C ASP B 88 17.75 1.12 -4.43
N ASN B 89 17.07 1.65 -5.43
CA ASN B 89 16.89 0.92 -6.69
C ASN B 89 17.70 1.50 -7.84
N GLN B 90 18.57 2.45 -7.53
CA GLN B 90 19.46 3.02 -8.52
C GLN B 90 20.73 2.19 -8.53
N THR C 31 26.79 -19.25 -12.69
CA THR C 31 26.43 -19.48 -11.26
C THR C 31 26.30 -20.97 -10.93
N GLU C 32 26.56 -21.31 -9.67
CA GLU C 32 26.45 -22.67 -9.17
C GLU C 32 25.15 -22.82 -8.38
N PRO C 33 24.67 -24.07 -8.21
CA PRO C 33 23.52 -24.30 -7.33
C PRO C 33 23.83 -23.98 -5.86
N HIS C 34 22.77 -23.78 -5.08
CA HIS C 34 22.85 -23.40 -3.67
C HIS C 34 21.68 -24.01 -2.90
N ALA C 35 21.69 -23.89 -1.57
CA ALA C 35 20.62 -24.45 -0.77
C ALA C 35 19.33 -23.67 -0.94
N LYS C 36 18.20 -24.36 -0.84
CA LYS C 36 16.91 -23.69 -0.84
C LYS C 36 16.73 -23.01 0.50
N LYS C 37 16.03 -21.89 0.49
CA LYS C 37 15.59 -21.26 1.74
C LYS C 37 14.74 -22.29 2.51
N LYS C 38 15.00 -22.42 3.80
CA LYS C 38 14.26 -23.33 4.66
C LYS C 38 13.71 -22.52 5.82
N SER C 39 12.55 -22.92 6.33
CA SER C 39 11.90 -22.16 7.39
C SER C 39 11.49 -23.05 8.57
N LYS C 40 11.75 -22.57 9.78
CA LYS C 40 11.31 -23.22 11.01
C LYS C 40 9.79 -23.29 11.12
N ILE C 41 9.09 -22.32 10.53
CA ILE C 41 7.63 -22.31 10.55
C ILE C 41 7.05 -22.59 9.16
N SER C 42 5.85 -23.16 9.14
CA SER C 42 5.19 -23.50 7.89
C SER C 42 4.73 -22.25 7.14
N ALA C 43 4.62 -22.36 5.82
CA ALA C 43 4.11 -21.25 5.02
C ALA C 43 2.66 -20.96 5.41
N SER C 44 1.96 -22.00 5.85
CA SER C 44 0.60 -21.89 6.32
C SER C 44 0.52 -21.01 7.58
N ARG C 45 1.50 -21.17 8.47
CA ARG C 45 1.59 -20.32 9.67
C ARG C 45 1.91 -18.87 9.30
N LYS C 46 2.90 -18.67 8.42
CA LYS C 46 3.28 -17.33 7.94
C LYS C 46 2.08 -16.60 7.37
N LEU C 47 1.31 -17.29 6.52
CA LEU C 47 0.10 -16.72 5.93
C LEU C 47 -0.94 -16.26 6.95
N GLN C 48 -1.15 -17.07 7.99
CA GLN C 48 -2.03 -16.73 9.09
C GLN C 48 -1.52 -15.47 9.79
N LEU C 49 -0.22 -15.43 10.08
CA LEU C 49 0.39 -14.27 10.74
C LEU C 49 0.29 -12.99 9.88
N LYS C 50 0.56 -13.10 8.58
CA LYS C 50 0.43 -11.96 7.66
C LYS C 50 -1.01 -11.43 7.61
N THR C 51 -1.98 -12.33 7.57
CA THR C 51 -3.39 -11.96 7.55
C THR C 51 -3.77 -11.17 8.81
N LEU C 52 -3.33 -11.66 9.97
CA LEU C 52 -3.57 -10.98 11.24
C LEU C 52 -2.81 -9.66 11.32
N LEU C 53 -1.62 -9.61 10.72
CA LEU C 53 -0.85 -8.37 10.64
C LEU C 53 -1.58 -7.28 9.85
N LEU C 54 -2.18 -7.66 8.73
CA LEU C 54 -2.93 -6.71 7.92
C LEU C 54 -4.19 -6.23 8.63
N GLN C 55 -4.82 -7.12 9.39
CA GLN C 55 -6.02 -6.78 10.15
C GLN C 55 -5.72 -5.72 11.19
N ILE C 56 -4.66 -5.93 11.97
CA ILE C 56 -4.31 -4.97 13.01
C ILE C 56 -3.78 -3.64 12.45
N ALA C 57 -3.11 -3.68 11.30
CA ALA C 57 -2.68 -2.45 10.63
C ALA C 57 -3.91 -1.62 10.23
N LYS C 58 -4.95 -2.32 9.78
CA LYS C 58 -6.21 -1.71 9.37
C LYS C 58 -6.94 -1.09 10.57
N GLN C 59 -6.86 -1.76 11.72
CA GLN C 59 -7.41 -1.22 12.97
C GLN C 59 -6.66 0.01 13.43
N GLU C 60 -5.33 0.00 13.26
CA GLU C 60 -4.52 1.16 13.61
C GLU C 60 -4.79 2.36 12.68
N LEU C 61 -5.13 2.07 11.42
CA LEU C 61 -5.50 3.09 10.45
C LEU C 61 -6.81 3.78 10.83
N GLU C 62 -7.80 2.98 11.24
CA GLU C 62 -9.07 3.52 11.76
C GLU C 62 -8.88 4.31 13.06
N ARG C 63 -8.02 3.80 13.95
CA ARG C 63 -7.63 4.51 15.17
C ARG C 63 -6.97 5.86 14.89
N GLU C 64 -6.07 5.89 13.91
CA GLU C 64 -5.43 7.14 13.47
C GLU C 64 -6.48 8.15 13.00
N ALA C 65 -7.44 7.70 12.21
CA ALA C 65 -8.48 8.57 11.66
C ALA C 65 -9.37 9.16 12.76
N GLU C 66 -9.72 8.34 13.75
CA GLU C 66 -10.53 8.78 14.88
C GLU C 66 -9.80 9.82 15.71
N GLU C 67 -8.52 9.57 15.98
CA GLU C 67 -7.63 10.49 16.70
C GLU C 67 -7.43 11.81 15.94
N ARG C 68 -7.38 11.74 14.62
CA ARG C 68 -7.23 12.94 13.81
C ARG C 68 -8.51 13.79 13.85
N ARG C 69 -9.67 13.13 13.81
CA ARG C 69 -10.97 13.80 13.99
C ARG C 69 -11.08 14.54 15.33
N GLY C 70 -10.62 13.90 16.40
CA GLY C 70 -10.51 14.51 17.72
C GLY C 70 -9.60 15.72 17.71
N GLU C 71 -8.43 15.56 17.08
CA GLU C 71 -7.45 16.63 16.97
C GLU C 71 -8.00 17.83 16.17
N LYS C 72 -8.76 17.53 15.13
CA LYS C 72 -9.41 18.54 14.29
C LYS C 72 -10.43 19.36 15.10
N GLY C 73 -11.24 18.66 15.91
CA GLY C 73 -12.21 19.32 16.80
C GLY C 73 -11.54 20.33 17.73
N ARG C 74 -10.45 19.90 18.36
CA ARG C 74 -9.70 20.77 19.28
C ARG C 74 -8.99 21.94 18.60
N ALA C 75 -8.45 21.70 17.41
CA ALA C 75 -7.81 22.77 16.64
C ALA C 75 -8.84 23.83 16.24
N LEU C 76 -10.03 23.40 15.85
CA LEU C 76 -11.10 24.28 15.45
C LEU C 76 -11.70 25.07 16.62
N SER C 77 -11.62 24.52 17.83
CA SER C 77 -12.01 25.22 19.06
C SER C 77 -11.15 26.47 19.29
N THR C 78 -9.86 26.33 19.00
CA THR C 78 -8.88 27.37 19.20
C THR C 78 -8.88 28.39 18.08
N ARG C 79 -8.95 27.91 16.84
CA ARG C 79 -8.79 28.79 15.68
C ARG C 79 -10.08 29.53 15.30
N ALA C 80 -11.23 28.94 15.63
CA ALA C 80 -12.52 29.54 15.31
C ALA C 80 -13.45 29.51 16.52
N GLN C 81 -13.08 30.31 17.53
CA GLN C 81 -13.85 30.43 18.76
C GLN C 81 -15.25 31.06 18.52
N PRO C 82 -16.26 30.66 19.33
CA PRO C 82 -17.66 31.12 19.25
C PRO C 82 -17.86 32.64 19.32
N LEU C 83 -18.91 33.12 18.65
CA LEU C 83 -19.29 34.53 18.70
C LEU C 83 -19.93 34.86 20.05
N GLU C 84 -19.66 36.08 20.53
CA GLU C 84 -20.38 36.67 21.64
C GLU C 84 -21.22 37.82 21.09
N LEU C 85 -22.52 37.58 20.91
CA LEU C 85 -23.44 38.57 20.32
C LEU C 85 -24.30 39.31 21.33
N ALA C 86 -24.46 38.73 22.52
CA ALA C 86 -25.31 39.32 23.55
C ALA C 86 -24.77 40.71 23.92
N GLY C 87 -25.67 41.68 23.91
CA GLY C 87 -25.32 43.03 24.34
C GLY C 87 -24.65 43.91 23.31
N LEU C 88 -24.53 43.42 22.06
CA LEU C 88 -24.06 44.27 20.97
C LEU C 88 -25.24 44.96 20.32
N GLY C 89 -25.14 46.29 20.23
CA GLY C 89 -26.15 47.08 19.57
C GLY C 89 -25.94 47.07 18.07
N PHE C 90 -26.86 47.73 17.38
CA PHE C 90 -26.94 47.78 15.93
C PHE C 90 -25.62 48.13 15.27
N ALA C 91 -25.02 49.25 15.67
CA ALA C 91 -23.76 49.67 15.06
C ALA C 91 -22.62 48.69 15.38
N GLU C 92 -22.58 48.18 16.61
CA GLU C 92 -21.62 47.12 16.96
C GLU C 92 -21.76 45.86 16.08
N LEU C 93 -23.00 45.51 15.72
CA LEU C 93 -23.26 44.37 14.85
C LEU C 93 -22.80 44.62 13.42
N GLN C 94 -23.03 45.81 12.92
CA GLN C 94 -22.51 46.20 11.62
C GLN C 94 -20.97 46.06 11.58
N ASP C 95 -20.31 46.60 12.60
CA ASP C 95 -18.85 46.51 12.69
C ASP C 95 -18.35 45.06 12.81
N LEU C 96 -19.05 44.24 13.60
CA LEU C 96 -18.69 42.84 13.72
C LEU C 96 -18.78 42.10 12.37
N ALA C 97 -19.85 42.34 11.61
CA ALA C 97 -20.00 41.72 10.30
C ALA C 97 -18.83 42.11 9.40
N ARG C 98 -18.48 43.40 9.39
CA ARG C 98 -17.29 43.83 8.65
C ARG C 98 -15.99 43.18 9.14
N GLN C 99 -15.81 43.11 10.45
CA GLN C 99 -14.66 42.40 11.04
C GLN C 99 -14.59 40.91 10.61
N LEU C 100 -15.73 40.23 10.66
CA LEU C 100 -15.78 38.81 10.32
C LEU C 100 -15.49 38.60 8.83
N HIS C 101 -16.04 39.50 8.02
CA HIS C 101 -15.84 39.41 6.57
C HIS C 101 -14.36 39.59 6.23
N ALA C 102 -13.71 40.52 6.93
CA ALA C 102 -12.26 40.71 6.76
C ALA C 102 -11.48 39.45 7.17
N ARG C 103 -11.91 38.81 8.26
CA ARG C 103 -11.29 37.57 8.71
C ARG C 103 -11.45 36.43 7.69
N VAL C 104 -12.64 36.34 7.10
CA VAL C 104 -12.88 35.40 6.00
C VAL C 104 -11.77 35.54 4.94
N ASP C 105 -11.46 36.77 4.53
CA ASP C 105 -10.40 37.02 3.54
C ASP C 105 -9.04 36.50 3.97
N LYS C 106 -8.66 36.80 5.21
CA LYS C 106 -7.39 36.38 5.77
C LYS C 106 -7.26 34.86 5.86
N VAL C 107 -8.27 34.20 6.43
CA VAL C 107 -8.26 32.74 6.53
C VAL C 107 -8.20 32.08 5.14
N ASP C 108 -8.93 32.63 4.16
CA ASP C 108 -8.90 32.07 2.79
C ASP C 108 -7.50 32.17 2.20
N GLU C 109 -6.80 33.27 2.50
CA GLU C 109 -5.42 33.44 2.05
C GLU C 109 -4.50 32.39 2.67
N GLU C 110 -4.61 32.18 3.99
CA GLU C 110 -3.85 31.14 4.69
C GLU C 110 -4.13 29.74 4.12
N ARG C 111 -5.40 29.45 3.87
CA ARG C 111 -5.81 28.17 3.26
C ARG C 111 -5.17 28.02 1.86
N TYR C 112 -5.22 29.08 1.07
CA TYR C 112 -4.59 29.07 -0.24
C TYR C 112 -3.12 28.71 -0.16
N ASP C 113 -2.39 29.31 0.81
CA ASP C 113 -0.97 29.05 0.97
C ASP C 113 -0.64 27.59 1.27
N ILE C 114 -1.38 26.97 2.19
CA ILE C 114 -1.15 25.55 2.44
C ILE C 114 -1.56 24.69 1.21
N GLU C 115 -2.64 25.08 0.54
CA GLU C 115 -3.11 24.40 -0.65
C GLU C 115 -2.06 24.40 -1.77
N ALA C 116 -1.37 25.52 -1.91
CA ALA C 116 -0.30 25.67 -2.88
C ALA C 116 0.87 24.72 -2.61
N LYS C 117 1.21 24.51 -1.34
CA LYS C 117 2.24 23.54 -0.97
C LYS C 117 1.77 22.11 -1.25
N VAL C 118 0.50 21.83 -0.96
CA VAL C 118 -0.07 20.50 -1.26
C VAL C 118 -0.02 20.23 -2.77
N THR C 119 -0.37 21.22 -3.55
CA THR C 119 -0.34 21.11 -5.02
C THR C 119 1.07 20.78 -5.54
N LYS C 120 2.08 21.49 -5.02
CA LYS C 120 3.46 21.22 -5.41
C LYS C 120 3.90 19.83 -5.00
N ASN C 121 3.44 19.36 -3.83
CA ASN C 121 3.75 17.99 -3.44
C ASN C 121 3.13 16.96 -4.38
N ILE C 122 1.92 17.23 -4.87
CA ILE C 122 1.28 16.31 -5.82
C ILE C 122 2.16 16.17 -7.09
N THR C 123 2.65 17.30 -7.58
CA THR C 123 3.49 17.29 -8.78
C THR C 123 4.74 16.44 -8.53
N GLU C 124 5.33 16.61 -7.35
CA GLU C 124 6.53 15.84 -6.99
C GLU C 124 6.22 14.34 -6.82
N ILE C 125 5.13 14.02 -6.12
CA ILE C 125 4.70 12.62 -6.00
C ILE C 125 4.48 11.95 -7.37
N ALA C 126 3.80 12.65 -8.27
CA ALA C 126 3.53 12.10 -9.61
C ALA C 126 4.83 11.79 -10.35
N ASP C 127 5.80 12.70 -10.25
CA ASP C 127 7.10 12.55 -10.92
C ASP C 127 7.92 11.39 -10.33
N LEU C 128 8.02 11.34 -9.00
CA LEU C 128 8.76 10.26 -8.33
C LEU C 128 8.13 8.89 -8.54
N THR C 129 6.80 8.84 -8.62
CA THR C 129 6.08 7.60 -8.88
C THR C 129 6.42 7.05 -10.26
N GLN C 130 6.47 7.93 -11.25
CA GLN C 130 6.95 7.54 -12.58
C GLN C 130 8.41 7.06 -12.52
N LYS C 131 9.27 7.80 -11.81
CA LYS C 131 10.69 7.41 -11.74
C LYS C 131 10.87 6.02 -11.15
N ILE C 132 10.22 5.73 -10.01
CA ILE C 132 10.40 4.43 -9.38
C ILE C 132 9.81 3.30 -10.21
N PHE C 133 8.70 3.58 -10.91
CA PHE C 133 8.12 2.60 -11.83
C PHE C 133 9.12 2.20 -12.92
N ASP C 134 9.83 3.19 -13.46
CA ASP C 134 10.84 2.95 -14.50
C ASP C 134 12.06 2.18 -13.97
N LEU C 135 12.59 2.62 -12.83
CA LEU C 135 13.68 1.89 -12.19
C LEU C 135 13.30 0.43 -11.90
N ARG C 136 12.11 0.21 -11.35
CA ARG C 136 11.60 -1.15 -11.09
C ARG C 136 11.25 -1.97 -12.35
N GLY C 137 11.19 -1.33 -13.52
CA GLY C 137 10.79 -2.02 -14.76
C GLY C 137 11.83 -2.99 -15.27
N ARG C 148 -1.50 -19.96 -20.24
CA ARG C 148 -0.72 -21.18 -20.47
C ARG C 148 -1.63 -22.41 -20.62
N ILE C 149 -1.44 -23.38 -19.73
CA ILE C 149 -2.39 -24.47 -19.50
C ILE C 149 -2.48 -24.67 -18.00
N SER C 150 -3.68 -24.89 -17.49
CA SER C 150 -3.88 -25.13 -16.07
C SER C 150 -3.47 -26.55 -15.68
N ALA C 151 -3.06 -26.74 -14.42
CA ALA C 151 -2.71 -28.07 -13.91
C ALA C 151 -3.82 -29.10 -14.13
N ASP C 152 -5.06 -28.64 -14.03
CA ASP C 152 -6.26 -29.45 -14.27
C ASP C 152 -6.27 -30.12 -15.63
N ALA C 153 -6.17 -29.29 -16.67
CA ALA C 153 -6.15 -29.73 -18.05
C ALA C 153 -4.90 -30.56 -18.32
N MET C 154 -3.79 -30.18 -17.70
CA MET C 154 -2.54 -30.89 -17.92
C MET C 154 -2.66 -32.28 -17.31
N MET C 155 -3.25 -32.37 -16.12
CA MET C 155 -3.37 -33.66 -15.42
C MET C 155 -4.32 -34.61 -16.16
N GLN C 156 -5.43 -34.07 -16.67
CA GLN C 156 -6.36 -34.88 -17.47
C GLN C 156 -5.68 -35.45 -18.73
N ALA C 157 -4.89 -34.60 -19.41
CA ALA C 157 -4.22 -35.03 -20.64
C ALA C 157 -3.13 -36.08 -20.37
N LEU C 158 -2.27 -35.82 -19.39
CA LEU C 158 -1.15 -36.73 -19.13
C LEU C 158 -1.60 -38.07 -18.51
N LEU C 159 -2.58 -38.02 -17.62
CA LEU C 159 -2.92 -39.20 -16.79
C LEU C 159 -4.29 -39.82 -17.07
N GLY C 160 -5.14 -39.11 -17.80
CA GLY C 160 -6.44 -39.67 -18.21
C GLY C 160 -7.29 -39.99 -17.00
N ALA C 161 -7.74 -41.25 -16.92
CA ALA C 161 -8.61 -41.73 -15.84
C ALA C 161 -7.89 -41.82 -14.48
N ARG C 162 -6.57 -41.89 -14.49
CA ARG C 162 -5.77 -41.89 -13.27
C ARG C 162 -5.75 -40.52 -12.55
N ALA C 163 -6.21 -39.47 -13.22
CA ALA C 163 -6.41 -38.17 -12.58
C ALA C 163 -7.82 -38.12 -11.99
N LYS C 164 -7.91 -38.23 -10.67
CA LYS C 164 -9.19 -38.10 -9.96
C LYS C 164 -9.12 -36.94 -9.01
N GLU C 165 -8.25 -37.07 -8.00
CA GLU C 165 -8.08 -36.07 -6.96
C GLU C 165 -7.69 -34.72 -7.53
N SER C 166 -6.60 -34.68 -8.29
CA SER C 166 -6.14 -33.44 -8.93
C SER C 166 -7.13 -32.95 -9.98
CA CA D . 15.81 -26.50 -9.08
CA CA E . 15.36 -5.32 3.00
CA CA F . 10.70 2.21 10.53
S DMS G . 2.28 -25.55 -16.98
O DMS G . 3.95 -25.86 -16.42
C1 DMS G . 1.10 -26.42 -15.90
C2 DMS G . 1.82 -23.82 -16.62
S DMS H . 2.18 -20.83 -23.82
O DMS H . 3.80 -20.29 -24.37
C1 DMS H . 2.37 -22.04 -22.48
C2 DMS H . 1.38 -19.46 -22.93
S DMS I . -22.04 37.29 2.37
O DMS I . -23.34 38.42 2.89
C1 DMS I . -20.42 38.09 2.52
C2 DMS I . -21.89 35.98 3.62
S DMS J . 4.98 5.02 -1.52
O DMS J . 6.53 4.54 -2.25
C1 DMS J . 4.82 4.71 0.27
C2 DMS J . 4.94 6.84 -1.47
S DMS K . -15.37 31.73 0.75
O DMS K . -13.88 32.69 0.42
C1 DMS K . -16.81 32.84 0.69
C2 DMS K . -15.69 30.68 -0.68
S DMS L . -3.85 25.83 -5.58
O DMS L . -2.24 25.51 -6.32
C1 DMS L . -3.60 27.03 -4.26
C2 DMS L . -4.89 26.80 -6.73
#